data_7CYA
#
_entry.id   7CYA
#
_cell.length_a   33.529
_cell.length_b   58.789
_cell.length_c   40.833
_cell.angle_alpha   90.000
_cell.angle_beta   113.630
_cell.angle_gamma   90.000
#
_symmetry.space_group_name_H-M   'P 1 21 1'
#
loop_
_entity.id
_entity.type
_entity.pdbx_description
1 polymer Galectin
2 branched beta-D-galactopyranose-(1-4)-beta-D-glucopyranose
3 water water
#
_entity_poly.entity_id   1
_entity_poly.type   'polypeptide(L)'
_entity_poly.pdbx_seq_one_letter_code
;GSHMSSLPVPYKLPVSLSTGACVIIKGRPKLSFINDPQLQVDFYTGTDEDSDIAFHFRVHFGHRVVMNSLEFGVWKLEEK
IHYVPFEDGEPFELRIYVRHSEYEVKVNGQYIYGFAHRHPPSYVKMIQVWRDVSLTSVCVYN
;
_entity_poly.pdbx_strand_id   A
#
# COMPACT_ATOMS: atom_id res chain seq x y z
N MET A 4 -8.22 19.42 -2.56
CA MET A 4 -6.87 19.81 -2.97
C MET A 4 -5.98 20.12 -1.75
N SER A 5 -6.49 19.85 -0.55
CA SER A 5 -5.61 19.68 0.60
C SER A 5 -4.86 18.36 0.49
N SER A 6 -3.69 18.30 1.10
CA SER A 6 -2.92 17.07 1.01
C SER A 6 -1.97 16.92 2.18
N LEU A 7 -1.68 15.67 2.50
CA LEU A 7 -0.53 15.33 3.31
C LEU A 7 0.74 15.48 2.47
N PRO A 8 1.90 15.60 3.12
CA PRO A 8 3.15 15.57 2.36
C PRO A 8 3.33 14.21 1.71
N VAL A 9 3.93 14.21 0.54
CA VAL A 9 4.28 12.97 -0.16
C VAL A 9 5.75 13.06 -0.55
N PRO A 10 6.59 12.09 -0.18
CA PRO A 10 6.29 10.83 0.51
C PRO A 10 5.78 11.02 1.95
N TYR A 11 4.88 10.14 2.37
CA TYR A 11 4.28 10.20 3.69
C TYR A 11 4.73 9.01 4.53
N LYS A 12 5.13 9.27 5.77
CA LYS A 12 5.56 8.21 6.68
C LYS A 12 4.84 8.36 8.00
N LEU A 13 4.40 7.24 8.57
CA LEU A 13 3.87 7.29 9.92
C LEU A 13 4.21 6.01 10.65
N PRO A 14 4.45 6.07 11.96
CA PRO A 14 4.63 4.85 12.74
C PRO A 14 3.29 4.17 12.99
N VAL A 15 3.32 2.83 13.06
CA VAL A 15 2.10 2.06 13.20
C VAL A 15 2.32 0.88 14.13
N SER A 16 1.20 0.35 14.60
CA SER A 16 1.18 -0.95 15.28
C SER A 16 0.03 -1.74 14.67
N LEU A 17 0.35 -2.92 14.12
CA LEU A 17 -0.64 -3.72 13.42
C LEU A 17 -0.91 -5.00 14.19
N SER A 18 -2.17 -5.39 14.24
CA SER A 18 -2.61 -6.62 14.88
C SER A 18 -3.78 -7.18 14.08
N THR A 19 -4.15 -8.42 14.36
CA THR A 19 -5.28 -9.02 13.67
C THR A 19 -6.53 -8.18 13.93
N GLY A 20 -7.21 -7.80 12.84
CA GLY A 20 -8.36 -6.93 12.91
C GLY A 20 -8.09 -5.49 12.54
N ALA A 21 -6.82 -5.08 12.46
CA ALA A 21 -6.51 -3.70 12.11
C ALA A 21 -6.84 -3.43 10.66
N CYS A 22 -7.01 -2.15 10.34
CA CYS A 22 -7.32 -1.71 8.98
C CYS A 22 -6.58 -0.43 8.68
N VAL A 23 -5.85 -0.42 7.57
CA VAL A 23 -5.18 0.76 7.04
C VAL A 23 -6.06 1.31 5.93
N ILE A 24 -6.44 2.58 6.02
CA ILE A 24 -7.28 3.23 5.01
C ILE A 24 -6.51 4.40 4.45
N ILE A 25 -6.33 4.39 3.13
CA ILE A 25 -5.54 5.37 2.42
C ILE A 25 -6.42 5.98 1.34
N LYS A 26 -6.56 7.30 1.37
CA LYS A 26 -7.39 8.02 0.40
C LYS A 26 -6.56 9.09 -0.29
N GLY A 27 -6.73 9.19 -1.59
CA GLY A 27 -6.01 10.19 -2.34
C GLY A 27 -6.41 10.18 -3.79
N ARG A 28 -5.53 10.69 -4.64
CA ARG A 28 -5.81 10.86 -6.04
C ARG A 28 -4.50 10.74 -6.81
N PRO A 29 -4.51 10.09 -7.98
CA PRO A 29 -3.33 10.19 -8.84
C PRO A 29 -3.07 11.64 -9.16
N LYS A 30 -1.79 12.00 -9.20
CA LYS A 30 -1.37 13.37 -9.39
C LYS A 30 -1.11 13.69 -10.86
N LEU A 31 -1.10 12.66 -11.71
CA LEU A 31 -0.91 12.79 -13.15
C LEU A 31 -1.91 11.89 -13.85
N SER A 32 -2.14 12.19 -15.13
CA SER A 32 -2.96 11.35 -15.99
C SER A 32 -2.27 10.02 -16.30
N PHE A 33 -3.08 9.01 -16.63
CA PHE A 33 -2.56 7.66 -16.82
C PHE A 33 -1.58 7.58 -17.99
N ILE A 34 -1.75 8.38 -19.03
CA ILE A 34 -0.83 8.33 -20.15
C ILE A 34 0.59 8.70 -19.73
N ASN A 35 0.73 9.37 -18.60
CA ASN A 35 2.04 9.70 -18.03
C ASN A 35 2.60 8.58 -17.17
N ASP A 36 1.93 7.42 -17.12
CA ASP A 36 2.41 6.25 -16.38
C ASP A 36 2.69 6.57 -14.91
N PRO A 37 1.74 7.18 -14.21
CA PRO A 37 1.96 7.47 -12.78
C PRO A 37 1.88 6.22 -11.93
N GLN A 38 2.38 6.32 -10.70
CA GLN A 38 2.48 5.19 -9.81
C GLN A 38 2.06 5.59 -8.39
N LEU A 39 1.71 4.57 -7.60
CA LEU A 39 1.45 4.67 -6.17
C LEU A 39 2.19 3.52 -5.49
N GLN A 40 2.85 3.80 -4.37
CA GLN A 40 3.54 2.74 -3.63
C GLN A 40 3.20 2.83 -2.15
N VAL A 41 2.89 1.67 -1.57
CA VAL A 41 2.65 1.54 -0.13
C VAL A 41 3.57 0.45 0.39
N ASP A 42 4.40 0.79 1.39
CA ASP A 42 5.37 -0.11 1.99
C ASP A 42 5.14 -0.21 3.48
N PHE A 43 5.00 -1.45 3.99
CA PHE A 43 4.92 -1.74 5.42
C PHE A 43 6.32 -2.19 5.88
N TYR A 44 7.03 -1.32 6.59
CA TYR A 44 8.39 -1.63 7.04
C TYR A 44 8.41 -2.32 8.40
N THR A 45 9.34 -3.26 8.58
CA THR A 45 9.52 -3.95 9.86
C THR A 45 10.56 -3.27 10.73
N GLY A 46 10.79 -2.00 10.51
CA GLY A 46 11.62 -1.18 11.37
C GLY A 46 11.36 0.27 11.05
N THR A 47 12.15 1.14 11.68
CA THR A 47 12.04 2.58 11.46
C THR A 47 13.25 3.15 10.74
N ASP A 48 14.18 2.30 10.31
CA ASP A 48 15.38 2.74 9.61
C ASP A 48 15.19 2.67 8.09
N GLU A 49 15.98 3.49 7.40
CA GLU A 49 15.94 3.53 5.95
C GLU A 49 16.16 2.15 5.33
N ASP A 50 16.92 1.29 6.00
CA ASP A 50 17.33 0.00 5.46
C ASP A 50 16.57 -1.17 6.06
N SER A 51 15.44 -0.91 6.73
CA SER A 51 14.65 -2.00 7.28
C SER A 51 13.99 -2.81 6.16
N ASP A 52 13.60 -4.02 6.49
CA ASP A 52 12.88 -4.86 5.55
C ASP A 52 11.46 -4.34 5.35
N ILE A 53 10.81 -4.84 4.31
CA ILE A 53 9.45 -4.49 3.93
C ILE A 53 8.64 -5.77 3.95
N ALA A 54 7.69 -5.86 4.89
CA ALA A 54 6.85 -7.04 5.01
C ALA A 54 5.80 -7.10 3.92
N PHE A 55 5.35 -5.94 3.44
CA PHE A 55 4.30 -5.88 2.43
C PHE A 55 4.57 -4.65 1.57
N HIS A 56 4.76 -4.87 0.28
CA HIS A 56 5.02 -3.82 -0.71
C HIS A 56 3.91 -3.90 -1.75
N PHE A 57 3.19 -2.78 -1.95
CA PHE A 57 2.03 -2.70 -2.82
C PHE A 57 2.29 -1.54 -3.78
N ARG A 58 2.46 -1.85 -5.06
CA ARG A 58 2.90 -0.86 -6.04
C ARG A 58 1.96 -0.86 -7.23
N VAL A 59 1.28 0.26 -7.43
CA VAL A 59 0.31 0.42 -8.51
C VAL A 59 1.00 1.11 -9.67
N HIS A 60 1.08 0.42 -10.80
CA HIS A 60 1.44 1.06 -12.07
C HIS A 60 0.10 1.43 -12.71
N PHE A 61 -0.38 2.62 -12.40
CA PHE A 61 -1.70 3.07 -12.84
C PHE A 61 -1.90 2.79 -14.33
N GLY A 62 -3.02 2.15 -14.66
CA GLY A 62 -3.34 1.83 -16.03
C GLY A 62 -2.63 0.62 -16.59
N HIS A 63 -1.79 -0.06 -15.81
CA HIS A 63 -1.05 -1.22 -16.33
C HIS A 63 -1.20 -2.44 -15.45
N ARG A 64 -0.78 -2.37 -14.19
CA ARG A 64 -0.84 -3.54 -13.32
C ARG A 64 -0.51 -3.11 -11.89
N VAL A 65 -0.74 -4.03 -10.96
CA VAL A 65 -0.36 -3.89 -9.56
C VAL A 65 0.58 -5.03 -9.22
N VAL A 66 1.66 -4.73 -8.50
CA VAL A 66 2.59 -5.76 -8.04
C VAL A 66 2.70 -5.69 -6.53
N MET A 67 2.86 -6.86 -5.92
CA MET A 67 3.03 -6.97 -4.47
C MET A 67 4.23 -7.85 -4.21
N ASN A 68 4.91 -7.60 -3.10
CA ASN A 68 6.13 -8.35 -2.80
C ASN A 68 6.55 -8.05 -1.37
N SER A 69 7.70 -8.61 -0.99
CA SER A 69 8.36 -8.28 0.25
C SER A 69 9.83 -8.06 -0.04
N LEU A 70 10.50 -7.32 0.84
CA LEU A 70 11.93 -7.09 0.76
C LEU A 70 12.55 -7.66 2.02
N GLU A 71 13.40 -8.69 1.87
CA GLU A 71 13.91 -9.47 2.99
C GLU A 71 15.42 -9.53 2.88
N PHE A 72 16.11 -9.06 3.91
CA PHE A 72 17.57 -9.00 3.86
C PHE A 72 18.04 -8.33 2.57
N GLY A 73 17.31 -7.32 2.14
CA GLY A 73 17.70 -6.56 0.96
C GLY A 73 17.40 -7.21 -0.38
N VAL A 74 16.53 -8.22 -0.41
CA VAL A 74 16.23 -8.95 -1.63
C VAL A 74 14.73 -8.92 -1.86
N TRP A 75 14.31 -8.50 -3.05
CA TRP A 75 12.92 -8.65 -3.44
C TRP A 75 12.59 -10.13 -3.60
N LYS A 76 11.46 -10.57 -3.06
CA LYS A 76 11.12 -11.99 -3.09
C LYS A 76 10.15 -12.28 -4.22
N LEU A 77 9.19 -13.18 -4.02
CA LEU A 77 8.30 -13.58 -5.11
C LEU A 77 7.33 -12.46 -5.44
N GLU A 78 7.31 -12.02 -6.69
CA GLU A 78 6.39 -10.97 -7.10
C GLU A 78 5.01 -11.58 -7.38
N GLU A 79 3.97 -10.98 -6.80
CA GLU A 79 2.58 -11.33 -7.04
C GLU A 79 1.94 -10.17 -7.81
N LYS A 80 1.27 -10.46 -8.92
CA LYS A 80 0.74 -9.39 -9.74
C LYS A 80 -0.76 -9.52 -9.96
N ILE A 81 -1.40 -8.37 -10.13
CA ILE A 81 -2.80 -8.27 -10.53
C ILE A 81 -2.84 -7.52 -11.85
N HIS A 82 -3.51 -8.11 -12.84
CA HIS A 82 -3.59 -7.52 -14.17
C HIS A 82 -4.45 -6.27 -14.17
N TYR A 83 -5.62 -6.34 -13.56
CA TYR A 83 -6.59 -5.25 -13.62
C TYR A 83 -7.02 -4.87 -12.21
N VAL A 84 -6.89 -3.59 -11.90
CA VAL A 84 -7.43 -3.06 -10.63
C VAL A 84 -8.23 -1.79 -10.96
N PRO A 85 -9.42 -1.60 -10.36
CA PRO A 85 -10.34 -0.55 -10.80
C PRO A 85 -10.03 0.86 -10.29
N PHE A 86 -8.77 1.27 -10.42
CA PHE A 86 -8.43 2.68 -10.28
C PHE A 86 -8.86 3.44 -11.52
N GLU A 87 -9.53 4.58 -11.32
CA GLU A 87 -10.05 5.39 -12.41
C GLU A 87 -9.17 6.62 -12.66
N ASP A 88 -8.93 6.88 -13.95
CA ASP A 88 -8.03 7.94 -14.37
C ASP A 88 -8.58 9.29 -13.93
N GLY A 89 -7.81 10.01 -13.11
CA GLY A 89 -8.17 11.32 -12.65
C GLY A 89 -9.12 11.36 -11.47
N GLU A 90 -9.54 10.22 -10.96
CA GLU A 90 -10.53 10.17 -9.91
C GLU A 90 -9.89 9.90 -8.55
N PRO A 91 -10.52 10.33 -7.47
CA PRO A 91 -10.08 9.90 -6.14
C PRO A 91 -10.28 8.41 -5.98
N PHE A 92 -9.46 7.82 -5.12
CA PHE A 92 -9.56 6.41 -4.79
C PHE A 92 -9.59 6.24 -3.28
N GLU A 93 -10.11 5.10 -2.86
CA GLU A 93 -9.99 4.64 -1.48
C GLU A 93 -9.37 3.25 -1.49
N LEU A 94 -8.26 3.11 -0.75
CA LEU A 94 -7.53 1.86 -0.59
C LEU A 94 -7.61 1.43 0.86
N ARG A 95 -8.06 0.21 1.11
CA ARG A 95 -8.09 -0.36 2.44
C ARG A 95 -7.27 -1.63 2.47
N ILE A 96 -6.51 -1.80 3.55
CA ILE A 96 -5.71 -3.00 3.78
C ILE A 96 -6.07 -3.51 5.18
N TYR A 97 -6.79 -4.64 5.22
CA TYR A 97 -7.19 -5.27 6.46
C TYR A 97 -6.19 -6.35 6.85
N VAL A 98 -5.83 -6.37 8.13
CA VAL A 98 -4.87 -7.32 8.67
C VAL A 98 -5.64 -8.51 9.23
N ARG A 99 -5.66 -9.62 8.49
CA ARG A 99 -6.30 -10.83 8.97
C ARG A 99 -5.25 -11.80 9.50
N HIS A 100 -5.71 -12.91 10.07
CA HIS A 100 -4.79 -13.82 10.72
C HIS A 100 -3.78 -14.39 9.73
N SER A 101 -4.23 -14.72 8.51
CA SER A 101 -3.35 -15.38 7.54
C SER A 101 -2.95 -14.51 6.34
N GLU A 102 -3.60 -13.36 6.14
CA GLU A 102 -3.32 -12.55 4.96
C GLU A 102 -3.71 -11.10 5.23
N TYR A 103 -3.23 -10.22 4.36
CA TYR A 103 -3.79 -8.89 4.19
C TYR A 103 -4.89 -8.98 3.15
N GLU A 104 -6.03 -8.34 3.42
CA GLU A 104 -7.11 -8.23 2.46
C GLU A 104 -7.14 -6.82 1.89
N VAL A 105 -7.03 -6.70 0.57
CA VAL A 105 -6.90 -5.42 -0.10
C VAL A 105 -8.21 -5.10 -0.78
N LYS A 106 -8.78 -3.93 -0.45
CA LYS A 106 -10.00 -3.42 -1.04
C LYS A 106 -9.70 -2.10 -1.76
N VAL A 107 -10.29 -1.91 -2.93
CA VAL A 107 -10.18 -0.64 -3.66
C VAL A 107 -11.56 -0.23 -4.17
N ASN A 108 -11.97 0.99 -3.82
CA ASN A 108 -13.16 1.61 -4.40
C ASN A 108 -14.38 0.71 -4.31
N GLY A 109 -14.55 0.05 -3.17
CA GLY A 109 -15.72 -0.77 -2.92
C GLY A 109 -15.64 -2.19 -3.42
N GLN A 110 -14.49 -2.61 -3.94
CA GLN A 110 -14.31 -3.95 -4.48
C GLN A 110 -13.22 -4.68 -3.72
N TYR A 111 -13.45 -5.96 -3.45
CA TYR A 111 -12.39 -6.82 -2.93
C TYR A 111 -11.41 -7.14 -4.05
N ILE A 112 -10.13 -6.88 -3.82
CA ILE A 112 -9.11 -6.96 -4.87
C ILE A 112 -8.20 -8.18 -4.69
N TYR A 113 -7.78 -8.47 -3.46
CA TYR A 113 -6.71 -9.44 -3.29
C TYR A 113 -6.53 -9.83 -1.83
N GLY A 114 -6.11 -11.09 -1.62
CA GLY A 114 -5.64 -11.55 -0.33
C GLY A 114 -4.18 -11.98 -0.42
N PHE A 115 -3.30 -11.28 0.31
CA PHE A 115 -1.85 -11.48 0.23
C PHE A 115 -1.42 -12.27 1.46
N ALA A 116 -0.99 -13.51 1.24
CA ALA A 116 -0.61 -14.35 2.37
C ALA A 116 0.58 -13.74 3.11
N HIS A 117 0.51 -13.75 4.44
CA HIS A 117 1.58 -13.16 5.23
C HIS A 117 2.89 -13.89 5.01
N ARG A 118 3.96 -13.12 4.87
CA ARG A 118 5.31 -13.64 4.82
C ARG A 118 6.09 -13.33 6.08
N HIS A 119 5.56 -12.45 6.93
CA HIS A 119 6.18 -11.92 8.13
C HIS A 119 5.03 -11.63 9.06
N PRO A 120 5.19 -11.83 10.37
CA PRO A 120 4.11 -11.49 11.30
C PRO A 120 3.81 -10.00 11.25
N PRO A 121 2.54 -9.62 11.09
CA PRO A 121 2.21 -8.18 11.07
C PRO A 121 2.61 -7.46 12.34
N SER A 122 2.72 -8.16 13.47
CA SER A 122 3.15 -7.52 14.70
C SER A 122 4.51 -6.87 14.58
N TYR A 123 5.30 -7.24 13.57
CA TYR A 123 6.63 -6.66 13.39
C TYR A 123 6.61 -5.42 12.50
N VAL A 124 5.47 -5.04 11.95
CA VAL A 124 5.41 -3.83 11.14
C VAL A 124 5.48 -2.62 12.06
N LYS A 125 6.38 -1.70 11.74
CA LYS A 125 6.67 -0.56 12.59
C LYS A 125 6.35 0.79 11.95
N MET A 126 6.33 0.88 10.62
CA MET A 126 5.88 2.10 9.97
C MET A 126 5.43 1.78 8.56
N ILE A 127 4.69 2.72 7.98
CA ILE A 127 4.14 2.62 6.65
C ILE A 127 4.59 3.86 5.89
N GLN A 128 4.97 3.67 4.63
CA GLN A 128 5.32 4.77 3.74
C GLN A 128 4.43 4.69 2.51
N VAL A 129 3.85 5.82 2.14
CA VAL A 129 2.97 5.95 0.97
C VAL A 129 3.56 7.04 0.10
N TRP A 130 3.88 6.72 -1.16
CA TRP A 130 4.66 7.68 -1.95
C TRP A 130 4.44 7.44 -3.44
N ARG A 131 5.22 8.19 -4.24
CA ARG A 131 5.15 8.30 -5.70
C ARG A 131 4.06 9.30 -6.10
N ASP A 132 3.40 9.06 -7.24
CA ASP A 132 2.67 10.13 -7.94
C ASP A 132 1.24 10.27 -7.45
N VAL A 133 1.08 10.56 -6.16
CA VAL A 133 -0.25 10.71 -5.57
C VAL A 133 -0.30 11.97 -4.72
N SER A 134 -1.46 12.60 -4.71
CA SER A 134 -1.87 13.50 -3.65
C SER A 134 -2.64 12.68 -2.64
N LEU A 135 -2.37 12.92 -1.36
CA LEU A 135 -2.87 12.09 -0.27
C LEU A 135 -3.81 12.90 0.60
N THR A 136 -5.04 12.41 0.73
CA THR A 136 -6.03 13.05 1.58
C THR A 136 -5.87 12.63 3.03
N SER A 137 -5.64 11.34 3.27
CA SER A 137 -5.58 10.84 4.64
C SER A 137 -5.02 9.43 4.63
N VAL A 138 -4.39 9.09 5.75
CA VAL A 138 -3.83 7.75 6.03
C VAL A 138 -4.19 7.45 7.49
N CYS A 139 -5.11 6.51 7.71
CA CYS A 139 -5.60 6.17 9.03
C CYS A 139 -5.36 4.69 9.33
N VAL A 140 -4.97 4.39 10.56
CA VAL A 140 -4.84 3.02 11.05
C VAL A 140 -5.84 2.83 12.17
N TYR A 141 -6.72 1.85 12.02
CA TYR A 141 -7.78 1.56 12.99
C TYR A 141 -7.49 0.25 13.72
N ASN A 142 -7.90 0.22 15.00
CA ASN A 142 -7.78 -0.96 15.85
C ASN A 142 -6.33 -1.43 15.93
#